data_2LQ2
#
_entry.id   2LQ2
#
_entity_poly.entity_id   1
_entity_poly.type   'polypeptide(L)'
_entity_poly.pdbx_seq_one_letter_code
;VKGRIDAPDFPSSPAILGKAATDVVAAWKS
;
_entity_poly.pdbx_strand_id   A
#
# COMPACT_ATOMS: atom_id res chain seq x y z
N VAL A 1 -4.82 -9.60 17.94
CA VAL A 1 -5.97 -9.48 17.06
C VAL A 1 -5.65 -8.63 15.84
N LYS A 2 -6.64 -8.43 14.97
CA LYS A 2 -6.45 -7.63 13.76
C LYS A 2 -6.53 -6.14 14.08
N GLY A 3 -7.12 -5.82 15.22
CA GLY A 3 -7.24 -4.43 15.63
C GLY A 3 -5.90 -3.79 15.92
N ARG A 4 -5.00 -4.56 16.50
CA ARG A 4 -3.67 -4.07 16.84
C ARG A 4 -2.87 -3.74 15.58
N ILE A 5 -2.99 -4.60 14.57
CA ILE A 5 -2.28 -4.41 13.31
C ILE A 5 -3.06 -3.49 12.38
N ASP A 6 -4.36 -3.36 12.63
CA ASP A 6 -5.21 -2.50 11.81
C ASP A 6 -4.87 -1.03 12.00
N ALA A 7 -4.51 -0.67 13.24
CA ALA A 7 -4.15 0.70 13.56
C ALA A 7 -2.97 1.17 12.71
N PRO A 8 -1.85 0.42 12.79
CA PRO A 8 -0.63 0.75 12.04
C PRO A 8 -0.80 0.52 10.55
N ASP A 9 -1.65 -0.44 10.18
CA ASP A 9 -1.89 -0.75 8.78
C ASP A 9 -2.88 0.25 8.17
N PHE A 10 -3.59 0.97 9.01
CA PHE A 10 -4.57 1.95 8.55
C PHE A 10 -3.90 3.00 7.67
N PRO A 11 -2.85 3.64 8.19
CA PRO A 11 -2.09 4.67 7.46
C PRO A 11 -1.29 4.10 6.31
N SER A 12 -0.90 2.83 6.44
CA SER A 12 -0.12 2.16 5.40
C SER A 12 -1.03 1.64 4.28
N SER A 13 -2.32 1.53 4.59
CA SER A 13 -3.29 1.05 3.61
C SER A 13 -3.28 1.92 2.36
N PRO A 14 -3.43 3.24 2.55
CA PRO A 14 -3.44 4.20 1.45
C PRO A 14 -2.07 4.34 0.79
N ALA A 15 -1.02 4.03 1.54
CA ALA A 15 0.34 4.13 1.03
C ALA A 15 0.70 2.91 0.19
N ILE A 16 0.28 1.74 0.64
CA ILE A 16 0.55 0.50 -0.07
C ILE A 16 -0.29 0.40 -1.35
N LEU A 17 -1.55 0.81 -1.24
CA LEU A 17 -2.46 0.77 -2.39
C LEU A 17 -2.09 1.84 -3.41
N GLY A 18 -1.53 2.94 -2.93
CA GLY A 18 -1.14 4.02 -3.82
C GLY A 18 0.20 3.78 -4.48
N LYS A 19 1.08 3.06 -3.79
CA LYS A 19 2.39 2.75 -4.32
C LYS A 19 2.34 1.58 -5.29
N ALA A 20 1.42 0.65 -5.04
CA ALA A 20 1.25 -0.51 -5.91
C ALA A 20 0.72 -0.10 -7.28
N ALA A 21 -0.11 0.94 -7.30
CA ALA A 21 -0.68 1.43 -8.55
C ALA A 21 0.37 2.13 -9.40
N THR A 22 1.22 2.91 -8.75
CA THR A 22 2.27 3.64 -9.44
C THR A 22 3.47 2.75 -9.73
N ASP A 23 3.61 1.68 -8.96
CA ASP A 23 4.70 0.74 -9.14
C ASP A 23 4.48 -0.13 -10.36
N VAL A 24 3.23 -0.53 -10.57
CA VAL A 24 2.88 -1.37 -11.72
C VAL A 24 2.95 -0.58 -13.02
N VAL A 25 2.57 0.69 -12.96
CA VAL A 25 2.59 1.55 -14.13
C VAL A 25 4.02 1.85 -14.58
N ALA A 26 4.91 2.01 -13.60
CA ALA A 26 6.31 2.30 -13.89
C ALA A 26 7.06 1.02 -14.27
N ALA A 27 6.67 -0.09 -13.67
CA ALA A 27 7.31 -1.38 -13.94
C ALA A 27 7.18 -1.74 -15.41
N TRP A 28 6.24 -1.13 -16.11
CA TRP A 28 6.02 -1.39 -17.52
C TRP A 28 7.27 -1.06 -18.34
N LYS A 29 8.08 -0.15 -17.82
CA LYS A 29 9.31 0.26 -18.48
C LYS A 29 10.37 -0.83 -18.38
N SER A 30 10.36 -1.56 -17.28
CA SER A 30 11.33 -2.63 -17.05
C SER A 30 11.05 -3.81 -17.98
N VAL A 1 -4.83 -9.53 17.82
CA VAL A 1 -5.98 -9.45 16.91
C VAL A 1 -5.65 -8.58 15.69
N LYS A 2 -6.63 -8.42 14.81
CA LYS A 2 -6.45 -7.62 13.61
C LYS A 2 -6.58 -6.14 13.92
N GLY A 3 -7.21 -5.82 15.06
CA GLY A 3 -7.38 -4.43 15.45
C GLY A 3 -6.07 -3.75 15.76
N ARG A 4 -5.15 -4.50 16.35
CA ARG A 4 -3.84 -3.96 16.72
C ARG A 4 -3.03 -3.62 15.47
N ILE A 5 -3.11 -4.47 14.47
CA ILE A 5 -2.38 -4.27 13.23
C ILE A 5 -3.17 -3.37 12.27
N ASP A 6 -4.48 -3.28 12.50
CA ASP A 6 -5.35 -2.46 11.66
C ASP A 6 -5.04 -0.97 11.86
N ALA A 7 -4.73 -0.60 13.09
CA ALA A 7 -4.41 0.79 13.40
C ALA A 7 -3.23 1.28 12.58
N PRO A 8 -2.10 0.58 12.69
CA PRO A 8 -0.87 0.94 11.97
C PRO A 8 -1.00 0.70 10.47
N ASP A 9 -1.82 -0.29 10.10
CA ASP A 9 -2.03 -0.62 8.69
C ASP A 9 -3.02 0.35 8.05
N PHE A 10 -3.78 1.05 8.88
CA PHE A 10 -4.77 2.00 8.39
C PHE A 10 -4.11 3.07 7.51
N PRO A 11 -3.09 3.74 8.06
CA PRO A 11 -2.36 4.78 7.34
C PRO A 11 -1.52 4.23 6.20
N SER A 12 -1.08 2.98 6.34
CA SER A 12 -0.27 2.33 5.33
C SER A 12 -1.13 1.78 4.21
N SER A 13 -2.42 1.63 4.48
CA SER A 13 -3.36 1.11 3.48
C SER A 13 -3.35 1.97 2.22
N PRO A 14 -3.54 3.29 2.40
CA PRO A 14 -3.56 4.24 1.29
C PRO A 14 -2.18 4.43 0.67
N ALA A 15 -1.14 4.15 1.44
CA ALA A 15 0.23 4.28 0.96
C ALA A 15 0.64 3.07 0.14
N ILE A 16 0.23 1.89 0.58
CA ILE A 16 0.56 0.66 -0.13
C ILE A 16 -0.26 0.52 -1.41
N LEU A 17 -1.53 0.91 -1.33
CA LEU A 17 -2.42 0.83 -2.48
C LEU A 17 -2.10 1.91 -3.50
N GLY A 18 -1.57 3.04 -3.01
CA GLY A 18 -1.22 4.13 -3.89
C GLY A 18 0.13 3.95 -4.54
N LYS A 19 1.03 3.26 -3.84
CA LYS A 19 2.37 3.01 -4.36
C LYS A 19 2.37 1.83 -5.32
N ALA A 20 1.48 0.87 -5.09
CA ALA A 20 1.37 -0.31 -5.94
C ALA A 20 0.84 0.06 -7.32
N ALA A 21 -0.03 1.07 -7.36
CA ALA A 21 -0.61 1.52 -8.63
C ALA A 21 0.42 2.27 -9.47
N THR A 22 1.23 3.09 -8.81
CA THR A 22 2.26 3.86 -9.49
C THR A 22 3.50 3.02 -9.77
N ASP A 23 3.67 1.96 -8.98
CA ASP A 23 4.81 1.07 -9.14
C ASP A 23 4.63 0.17 -10.35
N VAL A 24 3.40 -0.27 -10.58
CA VAL A 24 3.10 -1.14 -11.71
C VAL A 24 3.15 -0.36 -13.03
N VAL A 25 2.74 0.89 -12.97
CA VAL A 25 2.72 1.75 -14.16
C VAL A 25 4.15 2.10 -14.59
N ALA A 26 5.01 2.30 -13.61
CA ALA A 26 6.41 2.65 -13.89
C ALA A 26 7.22 1.40 -14.24
N ALA A 27 6.86 0.27 -13.64
CA ALA A 27 7.56 -0.98 -13.89
C ALA A 27 7.47 -1.37 -15.37
N TRP A 28 6.50 -0.79 -16.06
CA TRP A 28 6.31 -1.08 -17.48
C TRP A 28 7.56 -0.71 -18.28
N LYS A 29 8.33 0.24 -17.76
CA LYS A 29 9.54 0.69 -18.42
C LYS A 29 10.65 -0.35 -18.30
N SER A 30 10.65 -1.07 -17.18
CA SER A 30 11.65 -2.10 -16.94
C SER A 30 11.42 -3.31 -17.84
N VAL A 1 -7.93 -9.29 17.05
CA VAL A 1 -6.50 -9.00 17.02
C VAL A 1 -6.13 -8.17 15.80
N LYS A 2 -7.11 -7.95 14.91
CA LYS A 2 -6.89 -7.16 13.70
C LYS A 2 -6.94 -5.67 14.02
N GLY A 3 -7.56 -5.33 15.15
CA GLY A 3 -7.66 -3.93 15.53
C GLY A 3 -6.32 -3.31 15.85
N ARG A 4 -5.43 -4.10 16.44
CA ARG A 4 -4.11 -3.62 16.81
C ARG A 4 -3.28 -3.32 15.56
N ILE A 5 -3.39 -4.18 14.55
CA ILE A 5 -2.66 -4.01 13.31
C ILE A 5 -3.41 -3.09 12.35
N ASP A 6 -4.71 -2.93 12.59
CA ASP A 6 -5.54 -2.07 11.74
C ASP A 6 -5.16 -0.60 11.94
N ALA A 7 -4.82 -0.24 13.17
CA ALA A 7 -4.45 1.13 13.47
C ALA A 7 -3.24 1.57 12.65
N PRO A 8 -2.14 0.82 12.76
CA PRO A 8 -0.90 1.10 12.03
C PRO A 8 -1.04 0.87 10.53
N ASP A 9 -1.91 -0.07 10.16
CA ASP A 9 -2.14 -0.40 8.76
C ASP A 9 -3.09 0.60 8.11
N PHE A 10 -3.80 1.35 8.95
CA PHE A 10 -4.75 2.35 8.46
C PHE A 10 -4.05 3.37 7.57
N PRO A 11 -2.99 3.99 8.11
CA PRO A 11 -2.20 5.01 7.40
C PRO A 11 -1.39 4.40 6.26
N SER A 12 -1.03 3.13 6.41
CA SER A 12 -0.25 2.44 5.39
C SER A 12 -1.13 1.93 4.27
N SER A 13 -2.43 1.85 4.54
CA SER A 13 -3.39 1.37 3.55
C SER A 13 -3.35 2.23 2.30
N PRO A 14 -3.46 3.55 2.47
CA PRO A 14 -3.44 4.50 1.35
C PRO A 14 -2.06 4.61 0.72
N ALA A 15 -1.03 4.29 1.51
CA ALA A 15 0.34 4.36 1.01
C ALA A 15 0.69 3.13 0.19
N ILE A 16 0.23 1.97 0.65
CA ILE A 16 0.50 0.72 -0.05
C ILE A 16 -0.33 0.63 -1.34
N LEU A 17 -1.57 1.06 -1.27
CA LEU A 17 -2.46 1.02 -2.43
C LEU A 17 -2.05 2.06 -3.46
N GLY A 18 -1.50 3.18 -2.99
CA GLY A 18 -1.07 4.23 -3.88
C GLY A 18 0.30 3.96 -4.48
N LYS A 19 1.13 3.24 -3.74
CA LYS A 19 2.48 2.91 -4.20
C LYS A 19 2.44 1.74 -5.17
N ALA A 20 1.48 0.84 -4.99
CA ALA A 20 1.35 -0.33 -5.85
C ALA A 20 0.90 0.08 -7.25
N ALA A 21 0.10 1.13 -7.33
CA ALA A 21 -0.40 1.62 -8.61
C ALA A 21 0.71 2.30 -9.40
N THR A 22 1.55 3.08 -8.70
CA THR A 22 2.65 3.78 -9.34
C THR A 22 3.84 2.87 -9.56
N ASP A 23 3.91 1.79 -8.77
CA ASP A 23 5.00 0.83 -8.88
C ASP A 23 4.82 -0.06 -10.11
N VAL A 24 3.58 -0.42 -10.40
CA VAL A 24 3.27 -1.26 -11.54
C VAL A 24 3.42 -0.49 -12.84
N VAL A 25 3.08 0.80 -12.81
CA VAL A 25 3.17 1.64 -14.00
C VAL A 25 4.63 1.91 -14.36
N ALA A 26 5.47 2.06 -13.34
CA ALA A 26 6.89 2.31 -13.56
C ALA A 26 7.64 1.02 -13.88
N ALA A 27 7.18 -0.09 -13.30
CA ALA A 27 7.80 -1.38 -13.52
C ALA A 27 7.35 -1.99 -14.84
N TRP A 28 6.22 -1.51 -15.35
CA TRP A 28 5.67 -2.00 -16.61
C TRP A 28 6.66 -1.78 -17.75
N LYS A 29 7.41 -0.69 -17.69
CA LYS A 29 8.39 -0.37 -18.71
C LYS A 29 9.58 -1.31 -18.64
N SER A 30 9.91 -1.77 -17.43
CA SER A 30 11.02 -2.68 -17.24
C SER A 30 10.65 -4.10 -17.64
N VAL A 1 -5.02 -9.80 17.79
CA VAL A 1 -6.20 -9.54 16.97
C VAL A 1 -5.84 -8.68 15.76
N LYS A 2 -6.81 -8.48 14.87
CA LYS A 2 -6.60 -7.67 13.67
C LYS A 2 -6.69 -6.19 13.99
N GLY A 3 -7.31 -5.87 15.12
CA GLY A 3 -7.44 -4.47 15.52
C GLY A 3 -6.11 -3.82 15.82
N ARG A 4 -5.19 -4.59 16.40
CA ARG A 4 -3.86 -4.09 16.73
C ARG A 4 -3.07 -3.75 15.47
N ILE A 5 -3.19 -4.61 14.47
CA ILE A 5 -2.48 -4.41 13.21
C ILE A 5 -3.27 -3.50 12.28
N ASP A 6 -4.57 -3.38 12.53
CA ASP A 6 -5.43 -2.54 11.71
C ASP A 6 -5.09 -1.07 11.90
N ALA A 7 -4.74 -0.70 13.13
CA ALA A 7 -4.40 0.68 13.45
C ALA A 7 -3.21 1.16 12.60
N PRO A 8 -2.10 0.43 12.69
CA PRO A 8 -0.88 0.76 11.94
C PRO A 8 -1.04 0.53 10.44
N ASP A 9 -1.88 -0.43 10.09
CA ASP A 9 -2.13 -0.76 8.68
C ASP A 9 -3.11 0.23 8.06
N PHE A 10 -3.84 0.95 8.91
CA PHE A 10 -4.82 1.92 8.45
C PHE A 10 -4.16 2.97 7.55
N PRO A 11 -3.11 3.62 8.09
CA PRO A 11 -2.37 4.66 7.36
C PRO A 11 -1.55 4.09 6.20
N SER A 12 -1.15 2.83 6.34
CA SER A 12 -0.36 2.17 5.31
C SER A 12 -1.26 1.63 4.19
N SER A 13 -2.55 1.51 4.49
CA SER A 13 -3.52 1.02 3.52
C SER A 13 -3.51 1.88 2.26
N PRO A 14 -3.68 3.20 2.44
CA PRO A 14 -3.68 4.16 1.33
C PRO A 14 -2.32 4.32 0.68
N ALA A 15 -1.27 4.02 1.45
CA ALA A 15 0.10 4.13 0.94
C ALA A 15 0.46 2.91 0.09
N ILE A 16 0.05 1.74 0.55
CA ILE A 16 0.34 0.50 -0.16
C ILE A 16 -0.50 0.39 -1.43
N LEU A 17 -1.76 0.78 -1.34
CA LEU A 17 -2.67 0.74 -2.49
C LEU A 17 -2.30 1.80 -3.52
N GLY A 18 -1.78 2.93 -3.05
CA GLY A 18 -1.39 4.00 -3.94
C GLY A 18 -0.03 3.77 -4.56
N LYS A 19 0.84 3.06 -3.84
CA LYS A 19 2.18 2.78 -4.32
C LYS A 19 2.16 1.61 -5.31
N ALA A 20 1.24 0.67 -5.11
CA ALA A 20 1.11 -0.48 -5.98
C ALA A 20 0.64 -0.07 -7.37
N ALA A 21 -0.20 0.95 -7.43
CA ALA A 21 -0.72 1.44 -8.70
C ALA A 21 0.35 2.16 -9.50
N THR A 22 1.18 2.95 -8.81
CA THR A 22 2.24 3.69 -9.46
C THR A 22 3.46 2.80 -9.71
N ASP A 23 3.58 1.74 -8.92
CA ASP A 23 4.69 0.80 -9.06
C ASP A 23 4.52 -0.07 -10.30
N VAL A 24 3.28 -0.48 -10.56
CA VAL A 24 2.99 -1.32 -11.71
C VAL A 24 3.09 -0.53 -13.02
N VAL A 25 2.72 0.75 -12.96
CA VAL A 25 2.78 1.60 -14.13
C VAL A 25 4.22 1.92 -14.52
N ALA A 26 5.07 2.08 -13.51
CA ALA A 26 6.48 2.38 -13.74
C ALA A 26 7.25 1.12 -14.09
N ALA A 27 6.84 -0.01 -13.51
CA ALA A 27 7.50 -1.29 -13.76
C ALA A 27 7.44 -1.66 -15.24
N TRP A 28 6.51 -1.04 -15.96
CA TRP A 28 6.35 -1.31 -17.39
C TRP A 28 7.63 -0.96 -18.15
N LYS A 29 8.42 -0.04 -17.59
CA LYS A 29 9.66 0.37 -18.22
C LYS A 29 10.73 -0.71 -18.07
N SER A 30 10.68 -1.45 -16.97
CA SER A 30 11.65 -2.50 -16.71
C SER A 30 11.41 -3.69 -17.65
N VAL A 1 -5.42 -9.42 17.73
CA VAL A 1 -6.57 -9.19 16.87
C VAL A 1 -6.19 -8.35 15.66
N LYS A 2 -7.15 -8.13 14.76
CA LYS A 2 -6.92 -7.34 13.57
C LYS A 2 -6.97 -5.85 13.87
N GLY A 3 -7.58 -5.51 15.00
CA GLY A 3 -7.68 -4.11 15.38
C GLY A 3 -6.33 -3.50 15.72
N ARG A 4 -5.46 -4.29 16.32
CA ARG A 4 -4.13 -3.82 16.70
C ARG A 4 -3.30 -3.53 15.46
N ILE A 5 -3.41 -4.39 14.45
CA ILE A 5 -2.66 -4.21 13.20
C ILE A 5 -3.39 -3.29 12.25
N ASP A 6 -4.70 -3.12 12.47
CA ASP A 6 -5.50 -2.25 11.63
C ASP A 6 -5.13 -0.79 11.82
N ALA A 7 -4.80 -0.43 13.05
CA ALA A 7 -4.42 0.93 13.37
C ALA A 7 -3.20 1.37 12.55
N PRO A 8 -2.11 0.61 12.67
CA PRO A 8 -0.86 0.89 11.96
C PRO A 8 -0.99 0.65 10.45
N ASP A 9 -1.86 -0.28 10.08
CA ASP A 9 -2.07 -0.61 8.68
C ASP A 9 -3.01 0.41 8.02
N PHE A 10 -3.73 1.16 8.85
CA PHE A 10 -4.66 2.16 8.35
C PHE A 10 -3.94 3.18 7.47
N PRO A 11 -2.88 3.80 8.03
CA PRO A 11 -2.09 4.80 7.32
C PRO A 11 -1.27 4.20 6.18
N SER A 12 -0.92 2.93 6.33
CA SER A 12 -0.13 2.23 5.32
C SER A 12 -1.02 1.74 4.19
N SER A 13 -2.31 1.65 4.45
CA SER A 13 -3.27 1.18 3.45
C SER A 13 -3.21 2.05 2.19
N PRO A 14 -3.32 3.37 2.38
CA PRO A 14 -3.28 4.34 1.28
C PRO A 14 -1.89 4.44 0.66
N ALA A 15 -0.87 4.10 1.44
CA ALA A 15 0.51 4.16 0.95
C ALA A 15 0.84 2.93 0.13
N ILE A 16 0.38 1.77 0.58
CA ILE A 16 0.63 0.52 -0.13
C ILE A 16 -0.17 0.44 -1.42
N LEU A 17 -1.42 0.89 -1.36
CA LEU A 17 -2.30 0.87 -2.53
C LEU A 17 -1.87 1.92 -3.55
N GLY A 18 -1.31 3.02 -3.06
CA GLY A 18 -0.87 4.08 -3.95
C GLY A 18 0.50 3.80 -4.54
N LYS A 19 1.32 3.06 -3.80
CA LYS A 19 2.66 2.71 -4.26
C LYS A 19 2.63 1.56 -5.24
N ALA A 20 1.66 0.65 -5.05
CA ALA A 20 1.52 -0.50 -5.94
C ALA A 20 1.11 -0.08 -7.34
N ALA A 21 0.27 0.95 -7.42
CA ALA A 21 -0.19 1.46 -8.71
C ALA A 21 0.93 2.16 -9.46
N THR A 22 1.75 2.91 -8.73
CA THR A 22 2.87 3.63 -9.33
C THR A 22 4.06 2.71 -9.57
N ASP A 23 4.12 1.62 -8.81
CA ASP A 23 5.20 0.66 -8.94
C ASP A 23 5.02 -0.19 -10.19
N VAL A 24 3.77 -0.57 -10.46
CA VAL A 24 3.46 -1.38 -11.63
C VAL A 24 3.62 -0.60 -12.93
N VAL A 25 3.30 0.69 -12.88
CA VAL A 25 3.42 1.55 -14.04
C VAL A 25 4.87 1.82 -14.38
N ALA A 26 5.69 2.00 -13.35
CA ALA A 26 7.12 2.26 -13.53
C ALA A 26 7.88 0.98 -13.82
N ALA A 27 7.36 -0.14 -13.32
CA ALA A 27 7.99 -1.44 -13.53
C ALA A 27 7.65 -2.00 -14.90
N TRP A 28 6.44 -1.73 -15.37
CA TRP A 28 6.00 -2.21 -16.67
C TRP A 28 6.73 -1.50 -17.80
N LYS A 29 6.94 -0.19 -17.63
CA LYS A 29 7.63 0.61 -18.63
C LYS A 29 9.13 0.35 -18.59
N SER A 30 9.63 -0.03 -17.43
CA SER A 30 11.05 -0.31 -17.25
C SER A 30 11.48 -1.52 -18.08
N VAL A 1 -4.49 -9.57 18.04
CA VAL A 1 -5.64 -9.53 17.13
C VAL A 1 -5.35 -8.67 15.92
N LYS A 2 -6.35 -8.53 15.05
CA LYS A 2 -6.20 -7.72 13.84
C LYS A 2 -6.35 -6.24 14.15
N GLY A 3 -6.97 -5.94 15.29
CA GLY A 3 -7.17 -4.55 15.68
C GLY A 3 -5.87 -3.85 15.98
N ARG A 4 -4.91 -4.57 16.57
CA ARG A 4 -3.62 -4.00 16.91
C ARG A 4 -2.84 -3.64 15.65
N ILE A 5 -2.91 -4.51 14.64
CA ILE A 5 -2.20 -4.29 13.39
C ILE A 5 -3.03 -3.42 12.45
N ASP A 6 -4.33 -3.34 12.70
CA ASP A 6 -5.23 -2.55 11.88
C ASP A 6 -4.95 -1.05 12.06
N ALA A 7 -4.62 -0.67 13.28
CA ALA A 7 -4.34 0.73 13.59
C ALA A 7 -3.17 1.25 12.76
N PRO A 8 -2.02 0.57 12.85
CA PRO A 8 -0.81 0.94 12.10
C PRO A 8 -0.96 0.69 10.61
N ASP A 9 -1.76 -0.30 10.25
CA ASP A 9 -1.99 -0.64 8.85
C ASP A 9 -3.00 0.30 8.22
N PHE A 10 -3.77 1.00 9.06
CA PHE A 10 -4.78 1.93 8.59
C PHE A 10 -4.16 3.00 7.70
N PRO A 11 -3.15 3.70 8.23
CA PRO A 11 -2.45 4.75 7.50
C PRO A 11 -1.60 4.21 6.34
N SER A 12 -1.15 2.97 6.49
CA SER A 12 -0.33 2.34 5.46
C SER A 12 -1.21 1.77 4.34
N SER A 13 -2.49 1.59 4.64
CA SER A 13 -3.43 1.05 3.67
C SER A 13 -3.46 1.91 2.40
N PRO A 14 -3.67 3.22 2.58
CA PRO A 14 -3.72 4.17 1.47
C PRO A 14 -2.36 4.38 0.82
N ALA A 15 -1.30 4.12 1.58
CA ALA A 15 0.06 4.27 1.08
C ALA A 15 0.48 3.07 0.24
N ILE A 16 0.13 1.87 0.70
CA ILE A 16 0.47 0.64 0.00
C ILE A 16 -0.42 0.46 -1.23
N LEU A 17 -1.68 0.89 -1.12
CA LEU A 17 -2.63 0.77 -2.21
C LEU A 17 -2.35 1.81 -3.29
N GLY A 18 -1.87 2.98 -2.87
CA GLY A 18 -1.57 4.04 -3.81
C GLY A 18 -0.21 3.87 -4.46
N LYS A 19 0.71 3.22 -3.76
CA LYS A 19 2.06 2.99 -4.28
C LYS A 19 2.08 1.80 -5.23
N ALA A 20 1.19 0.84 -4.99
CA ALA A 20 1.11 -0.35 -5.82
C ALA A 20 0.58 0.00 -7.21
N ALA A 21 -0.31 0.98 -7.27
CA ALA A 21 -0.88 1.41 -8.54
C ALA A 21 0.14 2.16 -9.38
N THR A 22 0.94 3.00 -8.74
CA THR A 22 1.95 3.78 -9.42
C THR A 22 3.20 2.94 -9.68
N ASP A 23 3.39 1.90 -8.88
CA ASP A 23 4.54 1.02 -9.02
C ASP A 23 4.38 0.11 -10.23
N VAL A 24 3.16 -0.36 -10.46
CA VAL A 24 2.87 -1.25 -11.58
C VAL A 24 2.91 -0.48 -12.90
N VAL A 25 2.48 0.77 -12.87
CA VAL A 25 2.47 1.61 -14.07
C VAL A 25 3.89 1.97 -14.49
N ALA A 26 4.75 2.20 -13.51
CA ALA A 26 6.14 2.56 -13.78
C ALA A 26 6.97 1.32 -14.12
N ALA A 27 6.62 0.20 -13.50
CA ALA A 27 7.33 -1.06 -13.74
C ALA A 27 7.26 -1.46 -15.20
N TRP A 28 6.28 -0.90 -15.92
CA TRP A 28 6.11 -1.21 -17.34
C TRP A 28 7.35 -0.83 -18.13
N LYS A 29 8.17 0.06 -17.57
CA LYS A 29 9.39 0.49 -18.22
C LYS A 29 10.42 -0.63 -18.28
N SER A 30 10.41 -1.48 -17.26
CA SER A 30 11.35 -2.60 -17.19
C SER A 30 11.06 -3.61 -18.30
N VAL A 1 -5.22 -9.54 17.76
CA VAL A 1 -6.35 -9.44 16.82
C VAL A 1 -5.97 -8.58 15.61
N LYS A 2 -6.93 -8.38 14.72
CA LYS A 2 -6.69 -7.58 13.52
C LYS A 2 -6.79 -6.09 13.84
N GLY A 3 -7.42 -5.77 14.96
CA GLY A 3 -7.56 -4.38 15.35
C GLY A 3 -6.23 -3.73 15.70
N ARG A 4 -5.34 -4.51 16.31
CA ARG A 4 -4.03 -4.00 16.69
C ARG A 4 -3.19 -3.69 15.46
N ILE A 5 -3.27 -4.55 14.45
CA ILE A 5 -2.52 -4.35 13.21
C ILE A 5 -3.26 -3.43 12.25
N ASP A 6 -4.58 -3.30 12.47
CA ASP A 6 -5.40 -2.46 11.61
C ASP A 6 -5.06 -0.98 11.82
N ALA A 7 -4.74 -0.62 13.06
CA ALA A 7 -4.39 0.76 13.39
C ALA A 7 -3.17 1.22 12.58
N PRO A 8 -2.07 0.48 12.71
CA PRO A 8 -0.83 0.80 12.01
C PRO A 8 -0.93 0.56 10.50
N ASP A 9 -1.77 -0.39 10.11
CA ASP A 9 -1.97 -0.71 8.71
C ASP A 9 -2.92 0.29 8.05
N PHE A 10 -3.67 1.02 8.87
CA PHE A 10 -4.62 2.00 8.37
C PHE A 10 -3.91 3.04 7.50
N PRO A 11 -2.88 3.68 8.07
CA PRO A 11 -2.11 4.71 7.37
C PRO A 11 -1.26 4.12 6.24
N SER A 12 -0.87 2.85 6.39
CA SER A 12 -0.06 2.19 5.39
C SER A 12 -0.92 1.66 4.24
N SER A 13 -2.22 1.56 4.49
CA SER A 13 -3.16 1.08 3.48
C SER A 13 -3.10 1.94 2.23
N PRO A 14 -3.25 3.26 2.41
CA PRO A 14 -3.21 4.21 1.30
C PRO A 14 -1.82 4.35 0.70
N ALA A 15 -0.80 4.03 1.48
CA ALA A 15 0.58 4.11 1.03
C ALA A 15 0.96 2.90 0.20
N ILE A 16 0.53 1.72 0.64
CA ILE A 16 0.83 0.48 -0.06
C ILE A 16 -0.03 0.34 -1.31
N LEU A 17 -1.27 0.84 -1.23
CA LEU A 17 -2.19 0.78 -2.37
C LEU A 17 -1.82 1.81 -3.43
N GLY A 18 -1.28 2.94 -2.98
CA GLY A 18 -0.90 4.00 -3.91
C GLY A 18 0.46 3.74 -4.52
N LYS A 19 1.33 3.06 -3.79
CA LYS A 19 2.67 2.76 -4.27
C LYS A 19 2.65 1.56 -5.23
N ALA A 20 1.72 0.66 -5.01
CA ALA A 20 1.60 -0.53 -5.86
C ALA A 20 1.13 -0.15 -7.26
N ALA A 21 0.29 0.88 -7.35
CA ALA A 21 -0.21 1.35 -8.63
C ALA A 21 0.87 2.04 -9.44
N THR A 22 1.69 2.85 -8.76
CA THR A 22 2.78 3.57 -9.41
C THR A 22 3.99 2.67 -9.63
N ASP A 23 4.09 1.62 -8.83
CA ASP A 23 5.20 0.68 -8.94
C ASP A 23 5.03 -0.22 -10.16
N VAL A 24 3.79 -0.62 -10.43
CA VAL A 24 3.50 -1.49 -11.57
C VAL A 24 3.63 -0.72 -12.88
N VAL A 25 3.24 0.55 -12.86
CA VAL A 25 3.32 1.39 -14.05
C VAL A 25 4.76 1.70 -14.41
N ALA A 26 5.60 1.90 -13.39
CA ALA A 26 7.01 2.20 -13.61
C ALA A 26 7.81 0.93 -13.90
N ALA A 27 7.36 -0.19 -13.34
CA ALA A 27 8.03 -1.47 -13.55
C ALA A 27 7.63 -2.08 -14.89
N TRP A 28 6.37 -1.90 -15.27
CA TRP A 28 5.86 -2.44 -16.52
C TRP A 28 6.50 -1.72 -17.71
N LYS A 29 6.66 -0.41 -17.60
CA LYS A 29 7.26 0.39 -18.67
C LYS A 29 8.77 0.14 -18.75
N SER A 30 9.38 -0.19 -17.62
CA SER A 30 10.80 -0.45 -17.56
C SER A 30 11.14 -1.76 -18.26
N VAL A 1 -5.44 -9.98 17.64
CA VAL A 1 -6.62 -9.51 16.92
C VAL A 1 -6.23 -8.66 15.72
N LYS A 2 -7.17 -8.47 14.80
CA LYS A 2 -6.93 -7.67 13.61
C LYS A 2 -7.03 -6.19 13.91
N GLY A 3 -7.69 -5.85 15.03
CA GLY A 3 -7.85 -4.46 15.41
C GLY A 3 -6.52 -3.81 15.77
N ARG A 4 -5.64 -4.58 16.39
CA ARG A 4 -4.33 -4.07 16.80
C ARG A 4 -3.48 -3.75 15.59
N ILE A 5 -3.54 -4.62 14.57
CA ILE A 5 -2.77 -4.42 13.35
C ILE A 5 -3.51 -3.52 12.38
N ASP A 6 -4.81 -3.38 12.57
CA ASP A 6 -5.64 -2.54 11.71
C ASP A 6 -5.31 -1.07 11.90
N ALA A 7 -5.01 -0.70 13.15
CA ALA A 7 -4.67 0.68 13.47
C ALA A 7 -3.46 1.15 12.69
N PRO A 8 -2.34 0.41 12.83
CA PRO A 8 -1.08 0.74 12.15
C PRO A 8 -1.17 0.50 10.64
N ASP A 9 -2.00 -0.46 10.25
CA ASP A 9 -2.18 -0.79 8.83
C ASP A 9 -3.12 0.20 8.16
N PHE A 10 -3.89 0.92 8.97
CA PHE A 10 -4.83 1.90 8.46
C PHE A 10 -4.12 2.95 7.59
N PRO A 11 -3.10 3.59 8.18
CA PRO A 11 -2.32 4.61 7.48
C PRO A 11 -1.46 4.04 6.37
N SER A 12 -1.07 2.77 6.52
CA SER A 12 -0.24 2.10 5.53
C SER A 12 -1.08 1.58 4.37
N SER A 13 -2.39 1.46 4.61
CA SER A 13 -3.30 0.97 3.58
C SER A 13 -3.24 1.83 2.33
N PRO A 14 -3.39 3.16 2.51
CA PRO A 14 -3.34 4.12 1.41
C PRO A 14 -1.95 4.26 0.82
N ALA A 15 -0.94 3.94 1.61
CA ALA A 15 0.45 4.03 1.17
C ALA A 15 0.84 2.82 0.34
N ILE A 16 0.42 1.63 0.79
CA ILE A 16 0.72 0.40 0.09
C ILE A 16 -0.13 0.26 -1.17
N LEU A 17 -1.36 0.75 -1.11
CA LEU A 17 -2.26 0.68 -2.25
C LEU A 17 -1.89 1.71 -3.31
N GLY A 18 -1.37 2.85 -2.86
CA GLY A 18 -0.97 3.90 -3.78
C GLY A 18 0.39 3.66 -4.38
N LYS A 19 1.25 2.98 -3.63
CA LYS A 19 2.60 2.68 -4.09
C LYS A 19 2.60 1.49 -5.06
N ALA A 20 1.67 0.57 -4.85
CA ALA A 20 1.56 -0.60 -5.71
C ALA A 20 1.13 -0.23 -7.12
N ALA A 21 0.26 0.78 -7.22
CA ALA A 21 -0.22 1.23 -8.51
C ALA A 21 0.87 1.96 -9.29
N THR A 22 1.67 2.75 -8.56
CA THR A 22 2.75 3.50 -9.18
C THR A 22 3.97 2.62 -9.42
N ASP A 23 4.08 1.55 -8.64
CA ASP A 23 5.20 0.62 -8.76
C ASP A 23 5.04 -0.27 -9.98
N VAL A 24 3.80 -0.68 -10.25
CA VAL A 24 3.51 -1.53 -11.40
C VAL A 24 3.65 -0.77 -12.70
N VAL A 25 3.28 0.51 -12.68
CA VAL A 25 3.37 1.36 -13.87
C VAL A 25 4.82 1.67 -14.21
N ALA A 26 5.64 1.85 -13.19
CA ALA A 26 7.05 2.15 -13.40
C ALA A 26 7.84 0.88 -13.69
N ALA A 27 7.39 -0.24 -13.15
CA ALA A 27 8.05 -1.52 -13.36
C ALA A 27 7.66 -2.12 -14.70
N TRP A 28 6.41 -1.94 -15.08
CA TRP A 28 5.90 -2.46 -16.34
C TRP A 28 6.55 -1.75 -17.53
N LYS A 29 6.71 -0.44 -17.41
CA LYS A 29 7.32 0.37 -18.46
C LYS A 29 8.82 0.11 -18.54
N SER A 30 9.43 -0.23 -17.41
CA SER A 30 10.86 -0.49 -17.35
C SER A 30 11.22 -1.71 -18.19
N VAL A 1 -4.82 -9.79 17.87
CA VAL A 1 -5.98 -9.61 17.00
C VAL A 1 -5.61 -8.75 15.79
N LYS A 2 -6.59 -8.55 14.90
CA LYS A 2 -6.38 -7.75 13.70
C LYS A 2 -6.48 -6.26 14.03
N GLY A 3 -7.12 -5.95 15.15
CA GLY A 3 -7.27 -4.56 15.54
C GLY A 3 -5.95 -3.90 15.86
N ARG A 4 -5.02 -4.66 16.41
CA ARG A 4 -3.70 -4.14 16.76
C ARG A 4 -2.90 -3.80 15.51
N ILE A 5 -3.01 -4.65 14.49
CA ILE A 5 -2.31 -4.43 13.23
C ILE A 5 -3.10 -3.52 12.30
N ASP A 6 -4.39 -3.42 12.55
CA ASP A 6 -5.27 -2.58 11.74
C ASP A 6 -4.95 -1.10 11.94
N ALA A 7 -4.59 -0.74 13.18
CA ALA A 7 -4.27 0.64 13.51
C ALA A 7 -3.09 1.14 12.67
N PRO A 8 -1.96 0.42 12.76
CA PRO A 8 -0.74 0.76 12.01
C PRO A 8 -0.90 0.54 10.51
N ASP A 9 -1.73 -0.42 10.15
CA ASP A 9 -1.97 -0.74 8.75
C ASP A 9 -2.95 0.24 8.12
N PHE A 10 -3.69 0.95 8.97
CA PHE A 10 -4.68 1.92 8.51
C PHE A 10 -4.02 2.99 7.64
N PRO A 11 -2.98 3.64 8.17
CA PRO A 11 -2.25 4.68 7.46
C PRO A 11 -1.42 4.13 6.30
N SER A 12 -1.01 2.87 6.43
CA SER A 12 -0.21 2.22 5.39
C SER A 12 -1.10 1.70 4.26
N SER A 13 -2.39 1.56 4.57
CA SER A 13 -3.35 1.07 3.58
C SER A 13 -3.35 1.94 2.33
N PRO A 14 -3.51 3.26 2.52
CA PRO A 14 -3.53 4.23 1.42
C PRO A 14 -2.16 4.40 0.78
N ALA A 15 -1.12 4.08 1.53
CA ALA A 15 0.25 4.20 1.03
C ALA A 15 0.62 2.99 0.17
N ILE A 16 0.23 1.80 0.62
CA ILE A 16 0.53 0.57 -0.11
C ILE A 16 -0.36 0.45 -1.34
N LEU A 17 -1.60 0.90 -1.22
CA LEU A 17 -2.55 0.84 -2.33
C LEU A 17 -2.23 1.90 -3.37
N GLY A 18 -1.72 3.03 -2.94
CA GLY A 18 -1.37 4.11 -3.85
C GLY A 18 -0.02 3.90 -4.50
N LYS A 19 0.88 3.21 -3.81
CA LYS A 19 2.21 2.94 -4.33
C LYS A 19 2.18 1.77 -5.31
N ALA A 20 1.28 0.83 -5.08
CA ALA A 20 1.15 -0.33 -5.96
C ALA A 20 0.66 0.06 -7.34
N ALA A 21 -0.24 1.05 -7.38
CA ALA A 21 -0.78 1.52 -8.65
C ALA A 21 0.27 2.28 -9.45
N THR A 22 1.08 3.07 -8.76
CA THR A 22 2.13 3.85 -9.41
C THR A 22 3.35 2.99 -9.71
N ASP A 23 3.50 1.91 -8.94
CA ASP A 23 4.63 1.00 -9.14
C ASP A 23 4.44 0.13 -10.37
N VAL A 24 3.19 -0.30 -10.59
CA VAL A 24 2.87 -1.14 -11.73
C VAL A 24 2.95 -0.35 -13.04
N VAL A 25 2.58 0.93 -12.98
CA VAL A 25 2.60 1.80 -14.14
C VAL A 25 4.04 2.10 -14.56
N ALA A 26 4.91 2.27 -13.57
CA ALA A 26 6.31 2.56 -13.84
C ALA A 26 7.08 1.30 -14.21
N ALA A 27 6.69 0.18 -13.62
CA ALA A 27 7.34 -1.09 -13.89
C ALA A 27 7.25 -1.46 -15.37
N TRP A 28 6.30 -0.84 -16.07
CA TRP A 28 6.12 -1.10 -17.49
C TRP A 28 7.37 -0.75 -18.28
N LYS A 29 8.17 0.16 -17.74
CA LYS A 29 9.40 0.58 -18.39
C LYS A 29 10.47 -0.49 -18.28
N SER A 30 10.45 -1.23 -17.16
CA SER A 30 11.42 -2.30 -16.94
C SER A 30 11.33 -3.36 -18.03
N VAL A 1 -4.85 -9.94 17.74
CA VAL A 1 -6.07 -9.52 17.06
C VAL A 1 -5.75 -8.67 15.84
N LYS A 2 -6.74 -8.50 14.98
CA LYS A 2 -6.57 -7.71 13.76
C LYS A 2 -6.67 -6.21 14.07
N GLY A 3 -7.28 -5.89 15.21
CA GLY A 3 -7.42 -4.49 15.59
C GLY A 3 -6.09 -3.83 15.89
N ARG A 4 -5.18 -4.59 16.47
CA ARG A 4 -3.86 -4.06 16.82
C ARG A 4 -3.06 -3.74 15.55
N ILE A 5 -3.17 -4.60 14.55
CA ILE A 5 -2.46 -4.41 13.29
C ILE A 5 -3.25 -3.52 12.34
N ASP A 6 -4.55 -3.41 12.60
CA ASP A 6 -5.41 -2.57 11.77
C ASP A 6 -5.10 -1.10 11.95
N ALA A 7 -4.75 -0.72 13.17
CA ALA A 7 -4.41 0.67 13.48
C ALA A 7 -3.23 1.15 12.64
N PRO A 8 -2.11 0.42 12.73
CA PRO A 8 -0.90 0.77 11.98
C PRO A 8 -1.06 0.51 10.48
N ASP A 9 -1.89 -0.45 10.13
CA ASP A 9 -2.12 -0.79 8.73
C ASP A 9 -3.12 0.18 8.10
N PHE A 10 -3.85 0.90 8.95
CA PHE A 10 -4.84 1.87 8.47
C PHE A 10 -4.19 2.92 7.57
N PRO A 11 -3.15 3.58 8.10
CA PRO A 11 -2.41 4.62 7.36
C PRO A 11 -1.60 4.04 6.22
N SER A 12 -1.20 2.78 6.34
CA SER A 12 -0.42 2.12 5.32
C SER A 12 -1.32 1.58 4.20
N SER A 13 -2.60 1.45 4.50
CA SER A 13 -3.56 0.94 3.52
C SER A 13 -3.56 1.82 2.26
N PRO A 14 -3.73 3.14 2.47
CA PRO A 14 -3.75 4.11 1.37
C PRO A 14 -2.38 4.27 0.71
N ALA A 15 -1.33 3.97 1.46
CA ALA A 15 0.02 4.09 0.94
C ALA A 15 0.40 2.88 0.09
N ILE A 16 -0.01 1.70 0.55
CA ILE A 16 0.28 0.46 -0.18
C ILE A 16 -0.57 0.36 -1.45
N LEU A 17 -1.83 0.77 -1.35
CA LEU A 17 -2.74 0.72 -2.48
C LEU A 17 -2.37 1.79 -3.51
N GLY A 18 -1.86 2.90 -3.03
CA GLY A 18 -1.47 3.98 -3.93
C GLY A 18 -0.10 3.76 -4.55
N LYS A 19 0.76 3.05 -3.84
CA LYS A 19 2.10 2.77 -4.33
C LYS A 19 2.09 1.62 -5.32
N ALA A 20 1.16 0.68 -5.12
CA ALA A 20 1.04 -0.48 -6.01
C ALA A 20 0.58 -0.06 -7.40
N ALA A 21 -0.30 0.93 -7.45
CA ALA A 21 -0.81 1.43 -8.72
C ALA A 21 0.26 2.18 -9.49
N THR A 22 1.07 2.95 -8.77
CA THR A 22 2.14 3.73 -9.40
C THR A 22 3.36 2.86 -9.68
N ASP A 23 3.48 1.76 -8.93
CA ASP A 23 4.61 0.85 -9.10
C ASP A 23 4.42 -0.01 -10.34
N VAL A 24 3.18 -0.43 -10.60
CA VAL A 24 2.87 -1.25 -11.76
C VAL A 24 2.99 -0.44 -13.05
N VAL A 25 2.62 0.83 -12.97
CA VAL A 25 2.69 1.71 -14.14
C VAL A 25 4.12 2.02 -14.52
N ALA A 26 4.98 2.16 -13.52
CA ALA A 26 6.39 2.45 -13.76
C ALA A 26 7.16 1.18 -14.12
N ALA A 27 6.73 0.06 -13.56
CA ALA A 27 7.38 -1.23 -13.83
C ALA A 27 7.32 -1.57 -15.31
N TRP A 28 6.39 -0.94 -16.02
CA TRP A 28 6.23 -1.18 -17.46
C TRP A 28 7.51 -0.83 -18.22
N LYS A 29 8.29 0.07 -17.65
CA LYS A 29 9.55 0.48 -18.26
C LYS A 29 10.60 -0.61 -18.14
N SER A 30 10.55 -1.36 -17.06
CA SER A 30 11.51 -2.44 -16.82
C SER A 30 11.28 -3.59 -17.79
N VAL A 1 -5.28 -9.64 17.83
CA VAL A 1 -6.41 -9.52 16.91
C VAL A 1 -6.04 -8.67 15.69
N LYS A 2 -7.00 -8.47 14.80
CA LYS A 2 -6.78 -7.68 13.59
C LYS A 2 -6.87 -6.19 13.90
N GLY A 3 -7.50 -5.85 15.02
CA GLY A 3 -7.63 -4.45 15.41
C GLY A 3 -6.31 -3.82 15.75
N ARG A 4 -5.41 -4.60 16.36
CA ARG A 4 -4.10 -4.09 16.73
C ARG A 4 -3.26 -3.78 15.49
N ILE A 5 -3.35 -4.64 14.49
CA ILE A 5 -2.60 -4.46 13.25
C ILE A 5 -3.35 -3.54 12.28
N ASP A 6 -4.66 -3.41 12.51
CA ASP A 6 -5.48 -2.56 11.66
C ASP A 6 -5.15 -1.08 11.86
N ALA A 7 -4.82 -0.72 13.09
CA ALA A 7 -4.48 0.66 13.41
C ALA A 7 -3.27 1.12 12.60
N PRO A 8 -2.16 0.38 12.71
CA PRO A 8 -0.92 0.70 12.01
C PRO A 8 -1.04 0.46 10.51
N ASP A 9 -1.88 -0.49 10.12
CA ASP A 9 -2.08 -0.82 8.72
C ASP A 9 -3.04 0.18 8.07
N PHE A 10 -3.78 0.91 8.89
CA PHE A 10 -4.74 1.89 8.40
C PHE A 10 -4.05 2.92 7.53
N PRO A 11 -3.01 3.57 8.08
CA PRO A 11 -2.24 4.59 7.37
C PRO A 11 -1.40 4.01 6.24
N SER A 12 -1.04 2.73 6.37
CA SER A 12 -0.23 2.06 5.37
C SER A 12 -1.10 1.56 4.22
N SER A 13 -2.40 1.44 4.47
CA SER A 13 -3.34 0.96 3.47
C SER A 13 -3.30 1.84 2.23
N PRO A 14 -3.44 3.15 2.43
CA PRO A 14 -3.41 4.14 1.34
C PRO A 14 -2.03 4.27 0.72
N ALA A 15 -1.00 3.96 1.49
CA ALA A 15 0.37 4.05 1.02
C ALA A 15 0.74 2.84 0.18
N ILE A 16 0.31 1.66 0.61
CA ILE A 16 0.59 0.43 -0.11
C ILE A 16 -0.22 0.34 -1.40
N LEU A 17 -1.47 0.76 -1.33
CA LEU A 17 -2.35 0.74 -2.50
C LEU A 17 -1.94 1.80 -3.51
N GLY A 18 -1.41 2.92 -3.02
CA GLY A 18 -0.99 3.99 -3.89
C GLY A 18 0.39 3.75 -4.48
N LYS A 19 1.22 3.02 -3.75
CA LYS A 19 2.57 2.72 -4.21
C LYS A 19 2.56 1.57 -5.20
N ALA A 20 1.62 0.64 -5.03
CA ALA A 20 1.51 -0.50 -5.92
C ALA A 20 1.09 -0.07 -7.32
N ALA A 21 0.23 0.94 -7.40
CA ALA A 21 -0.24 1.45 -8.68
C ALA A 21 0.86 2.18 -9.42
N THR A 22 1.67 2.94 -8.67
CA THR A 22 2.77 3.69 -9.26
C THR A 22 3.98 2.80 -9.51
N ASP A 23 4.06 1.71 -8.77
CA ASP A 23 5.17 0.77 -8.91
C ASP A 23 5.01 -0.07 -10.17
N VAL A 24 3.77 -0.46 -10.45
CA VAL A 24 3.48 -1.28 -11.62
C VAL A 24 3.63 -0.47 -12.91
N VAL A 25 3.27 0.80 -12.84
CA VAL A 25 3.37 1.69 -14.00
C VAL A 25 4.83 1.99 -14.34
N ALA A 26 5.65 2.14 -13.30
CA ALA A 26 7.06 2.42 -13.48
C ALA A 26 7.85 1.16 -13.83
N ALA A 27 7.38 0.03 -13.31
CA ALA A 27 8.03 -1.26 -13.56
C ALA A 27 7.63 -1.82 -14.93
N TRP A 28 6.39 -1.61 -15.31
CA TRP A 28 5.89 -2.09 -16.60
C TRP A 28 6.54 -1.34 -17.75
N LYS A 29 6.72 -0.04 -17.58
CA LYS A 29 7.34 0.79 -18.61
C LYS A 29 8.84 0.52 -18.69
N SER A 30 9.44 0.14 -17.56
CA SER A 30 10.87 -0.14 -17.51
C SER A 30 11.23 -1.28 -18.46
N VAL A 1 -5.46 -9.74 17.71
CA VAL A 1 -6.61 -9.41 16.87
C VAL A 1 -6.19 -8.57 15.67
N LYS A 2 -7.11 -8.37 14.73
CA LYS A 2 -6.84 -7.58 13.54
C LYS A 2 -6.94 -6.10 13.84
N GLY A 3 -7.61 -5.76 14.94
CA GLY A 3 -7.77 -4.36 15.32
C GLY A 3 -6.44 -3.71 15.67
N ARG A 4 -5.56 -4.48 16.30
CA ARG A 4 -4.25 -3.97 16.71
C ARG A 4 -3.40 -3.66 15.49
N ILE A 5 -3.47 -4.53 14.48
CA ILE A 5 -2.69 -4.34 13.25
C ILE A 5 -3.43 -3.43 12.26
N ASP A 6 -4.74 -3.31 12.46
CA ASP A 6 -5.56 -2.47 11.60
C ASP A 6 -5.23 -0.99 11.79
N ALA A 7 -4.93 -0.62 13.02
CA ALA A 7 -4.60 0.77 13.35
C ALA A 7 -3.39 1.23 12.56
N PRO A 8 -2.27 0.50 12.71
CA PRO A 8 -1.02 0.82 12.02
C PRO A 8 -1.10 0.57 10.52
N ASP A 9 -1.93 -0.39 10.13
CA ASP A 9 -2.11 -0.73 8.72
C ASP A 9 -3.06 0.26 8.03
N PHE A 10 -3.82 0.99 8.85
CA PHE A 10 -4.77 1.96 8.32
C PHE A 10 -4.07 3.00 7.46
N PRO A 11 -3.04 3.65 8.03
CA PRO A 11 -2.27 4.67 7.33
C PRO A 11 -1.40 4.09 6.22
N SER A 12 -1.01 2.83 6.38
CA SER A 12 -0.18 2.15 5.39
C SER A 12 -1.03 1.62 4.24
N SER A 13 -2.33 1.51 4.47
CA SER A 13 -3.25 1.00 3.46
C SER A 13 -3.18 1.87 2.20
N PRO A 14 -3.34 3.18 2.38
CA PRO A 14 -3.30 4.14 1.27
C PRO A 14 -1.90 4.29 0.67
N ALA A 15 -0.89 3.98 1.47
CA ALA A 15 0.49 4.06 1.02
C ALA A 15 0.88 2.84 0.20
N ILE A 16 0.47 1.67 0.65
CA ILE A 16 0.77 0.43 -0.04
C ILE A 16 -0.07 0.28 -1.30
N LEU A 17 -1.30 0.77 -1.24
CA LEU A 17 -2.21 0.69 -2.38
C LEU A 17 -1.84 1.72 -3.44
N GLY A 18 -1.32 2.86 -3.00
CA GLY A 18 -0.94 3.91 -3.93
C GLY A 18 0.44 3.67 -4.52
N LYS A 19 1.30 2.98 -3.78
CA LYS A 19 2.65 2.69 -4.24
C LYS A 19 2.65 1.51 -5.19
N ALA A 20 1.72 0.58 -4.99
CA ALA A 20 1.61 -0.60 -5.83
C ALA A 20 1.18 -0.22 -7.25
N ALA A 21 0.30 0.77 -7.35
CA ALA A 21 -0.18 1.22 -8.65
C ALA A 21 0.91 1.95 -9.42
N THR A 22 1.70 2.74 -8.71
CA THR A 22 2.79 3.49 -9.33
C THR A 22 4.01 2.60 -9.56
N ASP A 23 4.12 1.55 -8.77
CA ASP A 23 5.24 0.62 -8.89
C ASP A 23 5.08 -0.27 -10.11
N VAL A 24 3.85 -0.69 -10.38
CA VAL A 24 3.56 -1.55 -11.52
C VAL A 24 3.69 -0.79 -12.83
N VAL A 25 3.32 0.48 -12.81
CA VAL A 25 3.40 1.32 -14.00
C VAL A 25 4.85 1.63 -14.36
N ALA A 26 5.67 1.83 -13.33
CA ALA A 26 7.08 2.13 -13.54
C ALA A 26 7.88 0.86 -13.83
N ALA A 27 7.44 -0.26 -13.28
CA ALA A 27 8.10 -1.54 -13.48
C ALA A 27 7.71 -2.15 -14.82
N TRP A 28 6.45 -1.97 -15.20
CA TRP A 28 5.95 -2.51 -16.47
C TRP A 28 6.59 -1.79 -17.65
N LYS A 29 6.75 -0.48 -17.54
CA LYS A 29 7.36 0.32 -18.60
C LYS A 29 8.86 0.07 -18.68
N SER A 30 9.46 -0.27 -17.54
CA SER A 30 10.89 -0.52 -17.48
C SER A 30 11.24 -1.81 -18.21
N VAL A 1 -7.21 -9.75 17.19
CA VAL A 1 -5.80 -9.41 17.17
C VAL A 1 -5.46 -8.55 15.96
N LYS A 2 -6.43 -8.38 15.07
CA LYS A 2 -6.24 -7.58 13.87
C LYS A 2 -6.37 -6.09 14.17
N GLY A 3 -7.00 -5.78 15.30
CA GLY A 3 -7.17 -4.39 15.69
C GLY A 3 -5.86 -3.70 15.98
N ARG A 4 -4.91 -4.45 16.53
CA ARG A 4 -3.60 -3.91 16.87
C ARG A 4 -2.81 -3.56 15.60
N ILE A 5 -2.92 -4.43 14.60
CA ILE A 5 -2.22 -4.21 13.34
C ILE A 5 -3.03 -3.32 12.40
N ASP A 6 -4.33 -3.23 12.66
CA ASP A 6 -5.21 -2.41 11.84
C ASP A 6 -4.91 -0.93 12.03
N ALA A 7 -4.56 -0.55 13.26
CA ALA A 7 -4.25 0.83 13.58
C ALA A 7 -3.08 1.34 12.73
N PRO A 8 -1.94 0.63 12.82
CA PRO A 8 -0.74 0.99 12.06
C PRO A 8 -0.89 0.75 10.56
N ASP A 9 -1.72 -0.23 10.21
CA ASP A 9 -1.96 -0.55 8.81
C ASP A 9 -2.96 0.41 8.18
N PHE A 10 -3.70 1.11 9.04
CA PHE A 10 -4.70 2.07 8.57
C PHE A 10 -4.07 3.13 7.69
N PRO A 11 -3.03 3.80 8.21
CA PRO A 11 -2.32 4.85 7.48
C PRO A 11 -1.49 4.29 6.33
N SER A 12 -1.06 3.05 6.45
CA SER A 12 -0.25 2.40 5.43
C SER A 12 -1.15 1.86 4.31
N SER A 13 -2.43 1.70 4.61
CA SER A 13 -3.39 1.18 3.64
C SER A 13 -3.41 2.05 2.38
N PRO A 14 -3.58 3.36 2.57
CA PRO A 14 -3.63 4.32 1.46
C PRO A 14 -2.27 4.51 0.80
N ALA A 15 -1.21 4.22 1.55
CA ALA A 15 0.15 4.35 1.04
C ALA A 15 0.54 3.14 0.20
N ILE A 16 0.17 1.95 0.67
CA ILE A 16 0.48 0.73 -0.06
C ILE A 16 -0.42 0.56 -1.27
N LEU A 17 -1.66 1.01 -1.15
CA LEU A 17 -2.62 0.92 -2.25
C LEU A 17 -2.33 1.96 -3.32
N GLY A 18 -1.83 3.11 -2.89
CA GLY A 18 -1.51 4.17 -3.84
C GLY A 18 -0.16 3.97 -4.49
N LYS A 19 0.75 3.31 -3.79
CA LYS A 19 2.09 3.05 -4.32
C LYS A 19 2.08 1.87 -5.27
N ALA A 20 1.18 0.92 -5.04
CA ALA A 20 1.07 -0.26 -5.88
C ALA A 20 0.54 0.10 -7.26
N ALA A 21 -0.32 1.11 -7.32
CA ALA A 21 -0.90 1.55 -8.58
C ALA A 21 0.14 2.29 -9.43
N THR A 22 0.95 3.11 -8.77
CA THR A 22 1.98 3.87 -9.46
C THR A 22 3.21 3.01 -9.73
N ASP A 23 3.38 1.96 -8.94
CA ASP A 23 4.51 1.06 -9.09
C ASP A 23 4.34 0.16 -10.30
N VAL A 24 3.10 -0.29 -10.53
CA VAL A 24 2.79 -1.16 -11.65
C VAL A 24 2.85 -0.40 -12.97
N VAL A 25 2.43 0.86 -12.93
CA VAL A 25 2.43 1.71 -14.11
C VAL A 25 3.86 2.06 -14.55
N ALA A 26 4.73 2.25 -13.57
CA ALA A 26 6.12 2.58 -13.85
C ALA A 26 6.92 1.34 -14.19
N ALA A 27 6.56 0.22 -13.58
CA ALA A 27 7.24 -1.05 -13.82
C ALA A 27 7.16 -1.45 -15.30
N TRP A 28 6.19 -0.87 -16.01
CA TRP A 28 6.00 -1.17 -17.42
C TRP A 28 7.25 -0.81 -18.22
N LYS A 29 8.08 0.06 -17.66
CA LYS A 29 9.31 0.47 -18.32
C LYS A 29 10.32 -0.68 -18.38
N SER A 30 10.30 -1.52 -17.36
CA SER A 30 11.20 -2.66 -17.30
C SER A 30 10.80 -3.73 -18.31
N VAL A 1 -4.89 -9.19 17.97
CA VAL A 1 -6.04 -9.10 17.07
C VAL A 1 -5.70 -8.26 15.85
N LYS A 2 -6.69 -8.08 14.97
CA LYS A 2 -6.50 -7.30 13.76
C LYS A 2 -6.60 -5.80 14.05
N GLY A 3 -7.21 -5.46 15.17
CA GLY A 3 -7.34 -4.07 15.55
C GLY A 3 -6.02 -3.41 15.85
N ARG A 4 -5.10 -4.18 16.46
CA ARG A 4 -3.78 -3.66 16.79
C ARG A 4 -2.98 -3.35 15.54
N ILE A 5 -3.08 -4.22 14.55
CA ILE A 5 -2.36 -4.04 13.29
C ILE A 5 -3.15 -3.14 12.33
N ASP A 6 -4.45 -3.02 12.57
CA ASP A 6 -5.30 -2.19 11.74
C ASP A 6 -4.97 -0.72 11.91
N ALA A 7 -4.63 -0.33 13.13
CA ALA A 7 -4.29 1.06 13.43
C ALA A 7 -3.09 1.52 12.59
N PRO A 8 -1.97 0.80 12.69
CA PRO A 8 -0.76 1.11 11.95
C PRO A 8 -0.91 0.86 10.46
N ASP A 9 -1.75 -0.11 10.10
CA ASP A 9 -1.98 -0.45 8.70
C ASP A 9 -2.97 0.53 8.07
N PHE A 10 -3.70 1.26 8.89
CA PHE A 10 -4.67 2.23 8.41
C PHE A 10 -4.01 3.26 7.51
N PRO A 11 -2.96 3.92 8.04
CA PRO A 11 -2.22 4.95 7.29
C PRO A 11 -1.41 4.36 6.15
N SER A 12 -1.01 3.10 6.29
CA SER A 12 -0.22 2.42 5.27
C SER A 12 -1.12 1.88 4.16
N SER A 13 -2.40 1.75 4.46
CA SER A 13 -3.37 1.23 3.49
C SER A 13 -3.35 2.08 2.22
N PRO A 14 -3.48 3.40 2.39
CA PRO A 14 -3.48 4.34 1.26
C PRO A 14 -2.11 4.45 0.60
N ALA A 15 -1.07 4.08 1.34
CA ALA A 15 0.30 4.14 0.83
C ALA A 15 0.60 2.92 -0.05
N ILE A 16 0.17 1.75 0.41
CA ILE A 16 0.42 0.52 -0.33
C ILE A 16 -0.50 0.42 -1.54
N LEU A 17 -1.72 0.91 -1.41
CA LEU A 17 -2.68 0.89 -2.49
C LEU A 17 -2.34 1.93 -3.56
N GLY A 18 -1.78 3.05 -3.11
CA GLY A 18 -1.40 4.10 -4.04
C GLY A 18 -0.06 3.84 -4.71
N LYS A 19 0.81 3.12 -4.03
CA LYS A 19 2.13 2.81 -4.56
C LYS A 19 2.05 1.64 -5.54
N ALA A 20 1.10 0.73 -5.30
CA ALA A 20 0.92 -0.43 -6.16
C ALA A 20 0.42 -0.01 -7.54
N ALA A 21 -0.41 1.03 -7.58
CA ALA A 21 -0.96 1.52 -8.83
C ALA A 21 0.11 2.22 -9.66
N THR A 22 0.96 3.00 -9.00
CA THR A 22 2.02 3.71 -9.67
C THR A 22 3.21 2.81 -9.96
N ASP A 23 3.32 1.73 -9.20
CA ASP A 23 4.42 0.77 -9.36
C ASP A 23 4.18 -0.10 -10.59
N VAL A 24 2.93 -0.48 -10.81
CA VAL A 24 2.58 -1.33 -11.95
C VAL A 24 2.76 -0.57 -13.26
N VAL A 25 2.38 0.70 -13.27
CA VAL A 25 2.50 1.53 -14.46
C VAL A 25 3.96 1.83 -14.78
N ALA A 26 4.77 1.97 -13.74
CA ALA A 26 6.19 2.24 -13.90
C ALA A 26 6.97 0.98 -14.23
N ALA A 27 6.47 -0.16 -13.75
CA ALA A 27 7.11 -1.44 -13.99
C ALA A 27 7.20 -1.74 -15.48
N TRP A 28 6.36 -1.07 -16.26
CA TRP A 28 6.35 -1.26 -17.71
C TRP A 28 7.70 -0.93 -18.33
N LYS A 29 8.42 -0.01 -17.68
CA LYS A 29 9.74 0.39 -18.16
C LYS A 29 10.75 -0.73 -17.99
N SER A 30 10.58 -1.52 -16.93
CA SER A 30 11.49 -2.63 -16.65
C SER A 30 11.39 -3.69 -17.74
N VAL A 1 -4.87 -9.54 17.94
CA VAL A 1 -6.04 -9.35 17.10
C VAL A 1 -5.71 -8.52 15.87
N LYS A 2 -6.68 -8.36 14.98
CA LYS A 2 -6.49 -7.58 13.77
C LYS A 2 -6.61 -6.09 14.05
N GLY A 3 -7.24 -5.75 15.17
CA GLY A 3 -7.40 -4.35 15.54
C GLY A 3 -6.08 -3.68 15.86
N ARG A 4 -5.17 -4.42 16.47
CA ARG A 4 -3.86 -3.88 16.83
C ARG A 4 -3.04 -3.56 15.58
N ILE A 5 -3.13 -4.45 14.58
CA ILE A 5 -2.40 -4.26 13.34
C ILE A 5 -3.17 -3.39 12.37
N ASP A 6 -4.48 -3.27 12.59
CA ASP A 6 -5.33 -2.46 11.74
C ASP A 6 -5.02 -0.98 11.91
N ALA A 7 -4.70 -0.58 13.14
CA ALA A 7 -4.38 0.81 13.44
C ALA A 7 -3.19 1.29 12.61
N PRO A 8 -2.07 0.58 12.73
CA PRO A 8 -0.84 0.91 12.00
C PRO A 8 -0.97 0.65 10.50
N ASP A 9 -1.79 -0.33 10.14
CA ASP A 9 -2.00 -0.68 8.75
C ASP A 9 -2.98 0.27 8.09
N PHE A 10 -3.74 1.00 8.91
CA PHE A 10 -4.72 1.95 8.41
C PHE A 10 -4.06 3.00 7.51
N PRO A 11 -3.04 3.68 8.05
CA PRO A 11 -2.30 4.70 7.32
C PRO A 11 -1.46 4.12 6.19
N SER A 12 -1.06 2.86 6.34
CA SER A 12 -0.25 2.20 5.33
C SER A 12 -1.12 1.65 4.21
N SER A 13 -2.41 1.50 4.48
CA SER A 13 -3.35 0.99 3.49
C SER A 13 -3.34 1.85 2.23
N PRO A 14 -3.50 3.17 2.41
CA PRO A 14 -3.51 4.12 1.30
C PRO A 14 -2.14 4.28 0.66
N ALA A 15 -1.09 3.99 1.43
CA ALA A 15 0.27 4.11 0.94
C ALA A 15 0.65 2.89 0.10
N ILE A 16 0.27 1.70 0.57
CA ILE A 16 0.57 0.47 -0.14
C ILE A 16 -0.31 0.31 -1.37
N LEU A 17 -1.55 0.78 -1.27
CA LEU A 17 -2.49 0.69 -2.38
C LEU A 17 -2.17 1.72 -3.45
N GLY A 18 -1.65 2.87 -3.02
CA GLY A 18 -1.31 3.93 -3.96
C GLY A 18 0.05 3.71 -4.60
N LYS A 19 0.94 3.03 -3.89
CA LYS A 19 2.28 2.76 -4.39
C LYS A 19 2.28 1.57 -5.34
N ALA A 20 1.36 0.64 -5.11
CA ALA A 20 1.25 -0.54 -5.95
C ALA A 20 0.78 -0.18 -7.35
N ALA A 21 -0.16 0.77 -7.43
CA ALA A 21 -0.69 1.21 -8.71
C ALA A 21 0.35 1.99 -9.50
N THR A 22 1.15 2.78 -8.79
CA THR A 22 2.19 3.58 -9.42
C THR A 22 3.43 2.74 -9.72
N ASP A 23 3.60 1.66 -8.97
CA ASP A 23 4.74 0.78 -9.15
C ASP A 23 4.53 -0.13 -10.37
N VAL A 24 3.30 -0.57 -10.57
CA VAL A 24 2.96 -1.44 -11.69
C VAL A 24 3.02 -0.68 -13.01
N VAL A 25 2.52 0.56 -12.99
CA VAL A 25 2.52 1.40 -14.19
C VAL A 25 3.93 1.79 -14.58
N ALA A 26 4.79 1.99 -13.59
CA ALA A 26 6.17 2.37 -13.84
C ALA A 26 7.02 1.16 -14.23
N ALA A 27 6.67 -0.01 -13.68
CA ALA A 27 7.40 -1.23 -13.97
C ALA A 27 7.35 -1.55 -15.46
N TRP A 28 6.38 -0.98 -16.15
CA TRP A 28 6.22 -1.22 -17.58
C TRP A 28 7.46 -0.78 -18.34
N LYS A 29 8.15 0.23 -17.82
CA LYS A 29 9.36 0.74 -18.46
C LYS A 29 10.48 -0.28 -18.39
N SER A 30 10.50 -1.08 -17.32
CA SER A 30 11.52 -2.10 -17.15
C SER A 30 11.42 -3.17 -18.23
N VAL A 1 -7.97 -9.11 17.10
CA VAL A 1 -6.55 -8.79 17.13
C VAL A 1 -6.13 -7.99 15.91
N LYS A 2 -7.06 -7.82 14.97
CA LYS A 2 -6.79 -7.06 13.75
C LYS A 2 -6.89 -5.56 14.01
N GLY A 3 -7.57 -5.20 15.10
CA GLY A 3 -7.72 -3.80 15.44
C GLY A 3 -6.41 -3.13 15.78
N ARG A 4 -5.50 -3.89 16.40
CA ARG A 4 -4.20 -3.36 16.78
C ARG A 4 -3.35 -3.08 15.56
N ILE A 5 -3.42 -3.96 14.57
CA ILE A 5 -2.65 -3.80 13.34
C ILE A 5 -3.39 -2.93 12.34
N ASP A 6 -4.70 -2.80 12.53
CA ASP A 6 -5.53 -1.98 11.64
C ASP A 6 -5.20 -0.49 11.82
N ALA A 7 -4.90 -0.10 13.05
CA ALA A 7 -4.57 1.29 13.34
C ALA A 7 -3.35 1.74 12.54
N PRO A 8 -2.24 1.01 12.69
CA PRO A 8 -0.98 1.32 12.00
C PRO A 8 -1.07 1.05 10.50
N ASP A 9 -1.90 0.08 10.13
CA ASP A 9 -2.08 -0.29 8.73
C ASP A 9 -3.03 0.67 8.04
N PHE A 10 -3.79 1.43 8.83
CA PHE A 10 -4.75 2.40 8.29
C PHE A 10 -4.04 3.41 7.40
N PRO A 11 -3.02 4.07 7.96
CA PRO A 11 -2.24 5.08 7.24
C PRO A 11 -1.37 4.48 6.14
N SER A 12 -0.98 3.22 6.33
CA SER A 12 -0.15 2.53 5.35
C SER A 12 -0.99 1.96 4.21
N SER A 13 -2.29 1.85 4.45
CA SER A 13 -3.22 1.33 3.44
C SER A 13 -3.15 2.16 2.16
N PRO A 14 -3.31 3.48 2.31
CA PRO A 14 -3.27 4.41 1.18
C PRO A 14 -1.87 4.54 0.58
N ALA A 15 -0.85 4.26 1.39
CA ALA A 15 0.52 4.33 0.95
C ALA A 15 0.93 3.09 0.15
N ILE A 16 0.51 1.93 0.63
CA ILE A 16 0.81 0.68 -0.03
C ILE A 16 -0.03 0.49 -1.29
N LEU A 17 -1.26 0.98 -1.24
CA LEU A 17 -2.17 0.87 -2.38
C LEU A 17 -1.79 1.88 -3.47
N GLY A 18 -1.28 3.04 -3.05
CA GLY A 18 -0.89 4.06 -4.00
C GLY A 18 0.48 3.81 -4.59
N LYS A 19 1.34 3.14 -3.83
CA LYS A 19 2.69 2.84 -4.27
C LYS A 19 2.70 1.62 -5.20
N ALA A 20 1.76 0.71 -4.98
CA ALA A 20 1.67 -0.49 -5.80
C ALA A 20 1.22 -0.16 -7.21
N ALA A 21 0.37 0.86 -7.33
CA ALA A 21 -0.13 1.29 -8.63
C ALA A 21 0.97 1.97 -9.45
N THR A 22 1.77 2.80 -8.78
CA THR A 22 2.86 3.51 -9.44
C THR A 22 4.07 2.62 -9.62
N ASP A 23 4.18 1.58 -8.79
CA ASP A 23 5.30 0.65 -8.86
C ASP A 23 5.15 -0.28 -10.05
N VAL A 24 3.91 -0.69 -10.32
CA VAL A 24 3.63 -1.60 -11.44
C VAL A 24 3.76 -0.88 -12.77
N VAL A 25 3.36 0.39 -12.79
CA VAL A 25 3.43 1.19 -14.01
C VAL A 25 4.87 1.51 -14.38
N ALA A 26 5.70 1.75 -13.36
CA ALA A 26 7.11 2.07 -13.58
C ALA A 26 7.92 0.79 -13.82
N ALA A 27 7.48 -0.31 -13.23
CA ALA A 27 8.17 -1.58 -13.39
C ALA A 27 7.79 -2.25 -14.71
N TRP A 28 6.52 -2.10 -15.10
CA TRP A 28 6.04 -2.69 -16.34
C TRP A 28 6.67 -2.02 -17.55
N LYS A 29 6.82 -0.69 -17.48
CA LYS A 29 7.40 0.07 -18.57
C LYS A 29 8.91 -0.16 -18.64
N SER A 30 9.52 -0.44 -17.50
CA SER A 30 10.95 -0.68 -17.43
C SER A 30 11.31 -2.02 -18.07
N VAL A 1 -5.05 -9.40 17.97
CA VAL A 1 -6.24 -9.15 17.17
C VAL A 1 -5.90 -8.30 15.94
N LYS A 2 -6.89 -8.13 15.07
CA LYS A 2 -6.71 -7.35 13.85
C LYS A 2 -6.78 -5.86 14.14
N GLY A 3 -7.39 -5.51 15.27
CA GLY A 3 -7.51 -4.11 15.65
C GLY A 3 -6.18 -3.46 15.95
N ARG A 4 -5.26 -4.24 16.54
CA ARG A 4 -3.94 -3.73 16.87
C ARG A 4 -3.14 -3.42 15.62
N ILE A 5 -3.25 -4.30 14.62
CA ILE A 5 -2.54 -4.12 13.37
C ILE A 5 -3.32 -3.22 12.41
N ASP A 6 -4.61 -3.08 12.66
CA ASP A 6 -5.47 -2.25 11.82
C ASP A 6 -5.12 -0.78 11.99
N ALA A 7 -4.77 -0.39 13.22
CA ALA A 7 -4.41 0.99 13.50
C ALA A 7 -3.23 1.44 12.66
N PRO A 8 -2.11 0.70 12.76
CA PRO A 8 -0.89 1.01 12.02
C PRO A 8 -1.05 0.75 10.52
N ASP A 9 -1.90 -0.21 10.18
CA ASP A 9 -2.13 -0.55 8.78
C ASP A 9 -3.11 0.43 8.13
N PHE A 10 -3.84 1.17 8.97
CA PHE A 10 -4.80 2.15 8.49
C PHE A 10 -4.13 3.18 7.58
N PRO A 11 -3.08 3.83 8.11
CA PRO A 11 -2.32 4.84 7.36
C PRO A 11 -1.51 4.24 6.22
N SER A 12 -1.12 2.98 6.37
CA SER A 12 -0.34 2.29 5.35
C SER A 12 -1.24 1.76 4.24
N SER A 13 -2.53 1.64 4.54
CA SER A 13 -3.50 1.14 3.57
C SER A 13 -3.47 1.98 2.30
N PRO A 14 -3.61 3.31 2.46
CA PRO A 14 -3.61 4.25 1.33
C PRO A 14 -2.24 4.38 0.68
N ALA A 15 -1.19 4.05 1.44
CA ALA A 15 0.17 4.13 0.94
C ALA A 15 0.51 2.89 0.10
N ILE A 16 0.09 1.72 0.58
CA ILE A 16 0.35 0.48 -0.13
C ILE A 16 -0.50 0.36 -1.38
N LEU A 17 -1.75 0.79 -1.29
CA LEU A 17 -2.67 0.74 -2.42
C LEU A 17 -2.30 1.79 -3.47
N GLY A 18 -1.75 2.91 -3.01
CA GLY A 18 -1.37 3.97 -3.92
C GLY A 18 -0.01 3.72 -4.56
N LYS A 19 0.85 3.00 -3.84
CA LYS A 19 2.18 2.69 -4.34
C LYS A 19 2.14 1.53 -5.31
N ALA A 20 1.22 0.60 -5.09
CA ALA A 20 1.07 -0.57 -5.94
C ALA A 20 0.60 -0.16 -7.34
N ALA A 21 -0.28 0.84 -7.40
CA ALA A 21 -0.80 1.33 -8.66
C ALA A 21 0.27 2.06 -9.47
N THR A 22 1.10 2.83 -8.77
CA THR A 22 2.17 3.58 -9.41
C THR A 22 3.38 2.69 -9.70
N ASP A 23 3.50 1.60 -8.93
CA ASP A 23 4.61 0.67 -9.11
C ASP A 23 4.40 -0.19 -10.34
N VAL A 24 3.15 -0.60 -10.57
CA VAL A 24 2.81 -1.45 -11.71
C VAL A 24 2.93 -0.65 -13.01
N VAL A 25 2.57 0.63 -12.96
CA VAL A 25 2.63 1.49 -14.13
C VAL A 25 4.08 1.76 -14.54
N ALA A 26 4.95 1.91 -13.55
CA ALA A 26 6.36 2.17 -13.80
C ALA A 26 7.10 0.89 -14.16
N ALA A 27 6.67 -0.22 -13.57
CA ALA A 27 7.30 -1.51 -13.84
C ALA A 27 7.21 -1.88 -15.31
N TRP A 28 6.28 -1.24 -16.03
CA TRP A 28 6.10 -1.50 -17.45
C TRP A 28 7.37 -1.19 -18.23
N LYS A 29 8.17 -0.26 -17.70
CA LYS A 29 9.42 0.14 -18.34
C LYS A 29 10.46 -0.98 -18.23
N SER A 30 10.41 -1.72 -17.13
CA SER A 30 11.35 -2.81 -16.90
C SER A 30 11.08 -3.98 -17.86
N VAL A 1 -4.91 -9.27 18.04
CA VAL A 1 -6.09 -9.14 17.18
C VAL A 1 -5.78 -8.30 15.95
N LYS A 2 -6.75 -8.17 15.06
CA LYS A 2 -6.58 -7.39 13.85
C LYS A 2 -6.78 -5.90 14.12
N GLY A 3 -7.41 -5.59 15.24
CA GLY A 3 -7.65 -4.20 15.61
C GLY A 3 -6.37 -3.47 15.94
N ARG A 4 -5.42 -4.17 16.54
CA ARG A 4 -4.14 -3.58 16.91
C ARG A 4 -3.31 -3.26 15.67
N ILE A 5 -3.38 -4.14 14.67
CA ILE A 5 -2.63 -3.95 13.44
C ILE A 5 -3.43 -3.10 12.44
N ASP A 6 -4.73 -3.03 12.65
CA ASP A 6 -5.60 -2.25 11.77
C ASP A 6 -5.34 -0.75 11.95
N ALA A 7 -5.07 -0.34 13.18
CA ALA A 7 -4.80 1.06 13.48
C ALA A 7 -3.61 1.58 12.68
N PRO A 8 -2.46 0.90 12.83
CA PRO A 8 -1.22 1.28 12.13
C PRO A 8 -1.31 1.01 10.63
N ASP A 9 -2.09 0.00 10.26
CA ASP A 9 -2.26 -0.35 8.85
C ASP A 9 -3.25 0.57 8.17
N PHE A 10 -4.05 1.27 8.97
CA PHE A 10 -5.06 2.19 8.44
C PHE A 10 -4.41 3.25 7.57
N PRO A 11 -3.42 3.96 8.13
CA PRO A 11 -2.69 5.01 7.42
C PRO A 11 -1.81 4.46 6.31
N SER A 12 -1.34 3.23 6.48
CA SER A 12 -0.49 2.59 5.50
C SER A 12 -1.31 1.99 4.35
N SER A 13 -2.60 1.82 4.59
CA SER A 13 -3.50 1.26 3.59
C SER A 13 -3.48 2.10 2.31
N PRO A 14 -3.71 3.41 2.47
CA PRO A 14 -3.73 4.35 1.35
C PRO A 14 -2.33 4.56 0.75
N ALA A 15 -1.30 4.31 1.56
CA ALA A 15 0.07 4.47 1.10
C ALA A 15 0.53 3.26 0.30
N ILE A 16 0.17 2.07 0.77
CA ILE A 16 0.54 0.84 0.09
C ILE A 16 -0.30 0.63 -1.17
N LEU A 17 -1.55 1.05 -1.11
CA LEU A 17 -2.46 0.91 -2.25
C LEU A 17 -2.15 1.95 -3.33
N GLY A 18 -1.69 3.11 -2.90
CA GLY A 18 -1.36 4.17 -3.84
C GLY A 18 0.03 4.00 -4.44
N LYS A 19 0.92 3.37 -3.69
CA LYS A 19 2.28 3.14 -4.15
C LYS A 19 2.35 1.95 -5.09
N ALA A 20 1.47 0.97 -4.87
CA ALA A 20 1.42 -0.23 -5.70
C ALA A 20 0.96 0.11 -7.11
N ALA A 21 0.04 1.06 -7.23
CA ALA A 21 -0.48 1.47 -8.53
C ALA A 21 0.57 2.24 -9.31
N THR A 22 1.32 3.08 -8.62
CA THR A 22 2.36 3.88 -9.26
C THR A 22 3.64 3.06 -9.47
N ASP A 23 3.81 2.01 -8.67
CA ASP A 23 4.97 1.15 -8.78
C ASP A 23 4.85 0.22 -9.99
N VAL A 24 3.65 -0.26 -10.25
CA VAL A 24 3.40 -1.14 -11.38
C VAL A 24 3.50 -0.39 -12.70
N VAL A 25 3.06 0.86 -12.69
CA VAL A 25 3.10 1.69 -13.89
C VAL A 25 4.54 2.05 -14.26
N ALA A 26 5.36 2.28 -13.26
CA ALA A 26 6.76 2.63 -13.47
C ALA A 26 7.60 1.39 -13.77
N ALA A 27 7.22 0.27 -13.16
CA ALA A 27 7.94 -0.98 -13.37
C ALA A 27 7.53 -1.64 -14.68
N TRP A 28 6.37 -1.25 -15.19
CA TRP A 28 5.87 -1.81 -16.44
C TRP A 28 6.83 -1.55 -17.58
N LYS A 29 7.67 -0.53 -17.43
CA LYS A 29 8.65 -0.17 -18.45
C LYS A 29 9.71 -1.26 -18.58
N SER A 30 10.03 -1.90 -17.46
CA SER A 30 11.04 -2.96 -17.46
C SER A 30 10.63 -4.11 -18.36
N VAL A 1 -4.92 -10.23 17.38
CA VAL A 1 -6.07 -9.43 16.97
C VAL A 1 -5.75 -8.58 15.75
N LYS A 2 -6.73 -8.42 14.87
CA LYS A 2 -6.54 -7.63 13.65
C LYS A 2 -6.67 -6.14 13.96
N GLY A 3 -7.29 -5.81 15.09
CA GLY A 3 -7.47 -4.43 15.48
C GLY A 3 -6.15 -3.74 15.79
N ARG A 4 -5.23 -4.49 16.39
CA ARG A 4 -3.93 -3.95 16.75
C ARG A 4 -3.11 -3.62 15.50
N ILE A 5 -3.19 -4.48 14.50
CA ILE A 5 -2.47 -4.28 13.25
C ILE A 5 -3.26 -3.40 12.30
N ASP A 6 -4.56 -3.30 12.52
CA ASP A 6 -5.42 -2.48 11.69
C ASP A 6 -5.12 -0.99 11.87
N ALA A 7 -4.80 -0.61 13.10
CA ALA A 7 -4.49 0.77 13.42
C ALA A 7 -3.30 1.27 12.59
N PRO A 8 -2.16 0.56 12.70
CA PRO A 8 -0.95 0.91 11.98
C PRO A 8 -1.08 0.67 10.48
N ASP A 9 -1.89 -0.32 10.10
CA ASP A 9 -2.11 -0.65 8.70
C ASP A 9 -3.10 0.31 8.06
N PHE A 10 -3.85 1.02 8.89
CA PHE A 10 -4.85 1.97 8.40
C PHE A 10 -4.20 3.03 7.52
N PRO A 11 -3.17 3.70 8.06
CA PRO A 11 -2.44 4.75 7.34
C PRO A 11 -1.60 4.18 6.20
N SER A 12 -1.16 2.94 6.35
CA SER A 12 -0.35 2.28 5.33
C SER A 12 -1.22 1.73 4.21
N SER A 13 -2.51 1.58 4.48
CA SER A 13 -3.45 1.06 3.50
C SER A 13 -3.44 1.92 2.23
N PRO A 14 -3.63 3.23 2.41
CA PRO A 14 -3.65 4.19 1.30
C PRO A 14 -2.27 4.37 0.67
N ALA A 15 -1.23 4.08 1.44
CA ALA A 15 0.13 4.21 0.95
C ALA A 15 0.53 2.99 0.11
N ILE A 16 0.16 1.81 0.58
CA ILE A 16 0.47 0.57 -0.13
C ILE A 16 -0.40 0.40 -1.35
N LEU A 17 -1.64 0.86 -1.27
CA LEU A 17 -2.58 0.76 -2.37
C LEU A 17 -2.27 1.80 -3.45
N GLY A 18 -1.77 2.96 -3.02
CA GLY A 18 -1.44 4.00 -3.96
C GLY A 18 -0.08 3.80 -4.60
N LYS A 19 0.82 3.14 -3.87
CA LYS A 19 2.17 2.88 -4.37
C LYS A 19 2.17 1.70 -5.33
N ALA A 20 1.28 0.75 -5.10
CA ALA A 20 1.17 -0.44 -5.94
C ALA A 20 0.69 -0.07 -7.34
N ALA A 21 -0.26 0.85 -7.41
CA ALA A 21 -0.79 1.28 -8.71
C ALA A 21 0.24 2.08 -9.49
N THR A 22 1.02 2.89 -8.78
CA THR A 22 2.05 3.71 -9.41
C THR A 22 3.30 2.90 -9.69
N ASP A 23 3.48 1.81 -8.95
CA ASP A 23 4.64 0.94 -9.13
C ASP A 23 4.46 0.05 -10.36
N VAL A 24 3.24 -0.44 -10.56
CA VAL A 24 2.94 -1.31 -11.69
C VAL A 24 3.08 -0.56 -13.01
N VAL A 25 2.63 0.69 -13.03
CA VAL A 25 2.70 1.51 -14.23
C VAL A 25 4.15 1.88 -14.56
N ALA A 26 4.96 2.02 -13.52
CA ALA A 26 6.37 2.36 -13.69
C ALA A 26 7.20 1.14 -14.06
N ALA A 27 6.81 -0.02 -13.51
CA ALA A 27 7.51 -1.26 -13.80
C ALA A 27 7.49 -1.59 -15.28
N TRP A 28 6.55 -0.98 -16.00
CA TRP A 28 6.43 -1.21 -17.44
C TRP A 28 7.70 -0.80 -18.17
N LYS A 29 8.45 0.12 -17.57
CA LYS A 29 9.70 0.59 -18.17
C LYS A 29 10.73 -0.53 -18.22
N SER A 30 10.69 -1.41 -17.24
CA SER A 30 11.63 -2.53 -17.18
C SER A 30 11.39 -3.50 -18.34
N VAL A 1 -7.67 -9.31 17.26
CA VAL A 1 -6.25 -8.97 17.26
C VAL A 1 -5.89 -8.15 16.03
N LYS A 2 -6.84 -8.01 15.12
CA LYS A 2 -6.63 -7.24 13.90
C LYS A 2 -6.76 -5.74 14.16
N GLY A 3 -7.42 -5.40 15.27
CA GLY A 3 -7.60 -4.00 15.61
C GLY A 3 -6.30 -3.31 15.96
N ARG A 4 -5.39 -4.05 16.60
CA ARG A 4 -4.09 -3.49 16.98
C ARG A 4 -3.25 -3.19 15.75
N ILE A 5 -3.30 -4.08 14.77
CA ILE A 5 -2.54 -3.90 13.54
C ILE A 5 -3.30 -3.04 12.54
N ASP A 6 -4.61 -2.93 12.73
CA ASP A 6 -5.45 -2.13 11.85
C ASP A 6 -5.15 -0.65 12.02
N ALA A 7 -4.86 -0.25 13.25
CA ALA A 7 -4.55 1.16 13.53
C ALA A 7 -3.35 1.63 12.73
N PRO A 8 -2.22 0.93 12.88
CA PRO A 8 -0.97 1.26 12.18
C PRO A 8 -1.07 0.98 10.68
N ASP A 9 -1.88 -0.01 10.32
CA ASP A 9 -2.05 -0.37 8.92
C ASP A 9 -3.03 0.58 8.23
N PHE A 10 -3.80 1.30 9.02
CA PHE A 10 -4.78 2.24 8.49
C PHE A 10 -4.10 3.28 7.60
N PRO A 11 -3.09 3.97 8.15
CA PRO A 11 -2.34 4.99 7.43
C PRO A 11 -1.47 4.41 6.32
N SER A 12 -1.06 3.16 6.49
CA SER A 12 -0.22 2.48 5.51
C SER A 12 -1.07 1.91 4.37
N SER A 13 -2.36 1.75 4.63
CA SER A 13 -3.28 1.21 3.63
C SER A 13 -3.22 2.03 2.35
N PRO A 14 -3.39 3.36 2.49
CA PRO A 14 -3.37 4.28 1.35
C PRO A 14 -1.98 4.43 0.74
N ALA A 15 -0.95 4.08 1.52
CA ALA A 15 0.43 4.15 1.06
C ALA A 15 0.79 2.94 0.23
N ILE A 16 0.37 1.77 0.67
CA ILE A 16 0.66 0.52 -0.04
C ILE A 16 -0.23 0.38 -1.28
N LEU A 17 -1.47 0.85 -1.17
CA LEU A 17 -2.41 0.78 -2.28
C LEU A 17 -2.10 1.84 -3.33
N GLY A 18 -1.55 2.97 -2.88
CA GLY A 18 -1.21 4.05 -3.79
C GLY A 18 0.12 3.83 -4.47
N LYS A 19 1.04 3.15 -3.79
CA LYS A 19 2.36 2.87 -4.33
C LYS A 19 2.32 1.68 -5.28
N ALA A 20 1.42 0.74 -5.01
CA ALA A 20 1.28 -0.44 -5.84
C ALA A 20 0.74 -0.08 -7.22
N ALA A 21 -0.13 0.93 -7.27
CA ALA A 21 -0.72 1.37 -8.52
C ALA A 21 0.30 2.09 -9.39
N THR A 22 1.14 2.92 -8.75
CA THR A 22 2.16 3.66 -9.47
C THR A 22 3.38 2.79 -9.75
N ASP A 23 3.56 1.75 -8.95
CA ASP A 23 4.68 0.83 -9.13
C ASP A 23 4.47 -0.08 -10.32
N VAL A 24 3.23 -0.51 -10.53
CA VAL A 24 2.90 -1.39 -11.64
C VAL A 24 2.93 -0.63 -12.97
N VAL A 25 2.53 0.64 -12.92
CA VAL A 25 2.52 1.48 -14.12
C VAL A 25 3.93 1.80 -14.58
N ALA A 26 4.83 2.00 -13.62
CA ALA A 26 6.21 2.32 -13.92
C ALA A 26 7.00 1.06 -14.27
N ALA A 27 6.64 -0.06 -13.64
CA ALA A 27 7.31 -1.32 -13.90
C ALA A 27 7.20 -1.74 -15.36
N TRP A 28 6.22 -1.15 -16.05
CA TRP A 28 6.01 -1.46 -17.46
C TRP A 28 7.23 -1.11 -18.29
N LYS A 29 8.02 -0.16 -17.80
CA LYS A 29 9.23 0.27 -18.49
C LYS A 29 10.33 -0.80 -18.37
N SER A 30 10.35 -1.50 -17.24
CA SER A 30 11.34 -2.54 -17.01
C SER A 30 11.22 -3.65 -18.04
#